data_5KM4
#
_entry.id   5KM4
#
_cell.length_a   78.852
_cell.length_b   46.309
_cell.length_c   63.817
_cell.angle_alpha   90.000
_cell.angle_beta   93.980
_cell.angle_gamma   90.000
#
_symmetry.space_group_name_H-M   'C 1 2 1'
#
loop_
_entity.id
_entity.type
_entity.pdbx_description
1 polymer 'Histidine triad nucleotide-binding protein 1'
2 non-polymer "5-IODOURIDINE-5'-MONOPHOSPHATE"
3 water water
#
_entity_poly.entity_id   1
_entity_poly.type   'polypeptide(L)'
_entity_poly.pdbx_seq_one_letter_code
;SNAMADEIAKAQVARPGGDTIFGKIIRKEIPAKIIFEDDRCLAFHDISPQAPTHFLVIPKKHISQISVAEDDDESLLGHL
MIVGKKCAADLGLNKGYRMVVNEGSDGGQSVYHVHLHVLGGRQMHWPPG
;
_entity_poly.pdbx_strand_id   A,B
#
# COMPACT_ATOMS: atom_id res chain seq x y z
N ARG A 15 25.11 -14.61 2.48
CA ARG A 15 24.49 -13.34 2.13
C ARG A 15 23.04 -13.29 2.59
N PRO A 16 22.82 -12.83 3.83
CA PRO A 16 21.47 -12.75 4.41
C PRO A 16 20.58 -11.84 3.59
N GLY A 17 19.38 -12.31 3.26
CA GLY A 17 18.44 -11.48 2.54
C GLY A 17 18.30 -11.81 1.07
N GLY A 18 19.14 -12.70 0.56
CA GLY A 18 18.99 -13.20 -0.80
C GLY A 18 19.63 -12.34 -1.88
N ASP A 19 19.53 -12.81 -3.12
CA ASP A 19 20.28 -12.23 -4.22
C ASP A 19 19.43 -11.53 -5.29
N THR A 20 18.18 -11.21 -4.98
CA THR A 20 17.48 -10.23 -5.80
C THR A 20 18.26 -8.92 -5.74
N ILE A 21 18.06 -8.07 -6.74
CA ILE A 21 18.73 -6.78 -6.73
C ILE A 21 18.45 -6.02 -5.43
N PHE A 22 17.25 -6.17 -4.90
CA PHE A 22 16.91 -5.46 -3.66
C PHE A 22 17.65 -6.04 -2.45
N GLY A 23 17.82 -7.36 -2.39
CA GLY A 23 18.65 -7.96 -1.35
C GLY A 23 20.08 -7.43 -1.39
N LYS A 24 20.60 -7.26 -2.59
CA LYS A 24 21.94 -6.75 -2.79
C LYS A 24 22.06 -5.27 -2.42
N ILE A 25 21.03 -4.49 -2.75
CA ILE A 25 20.99 -3.09 -2.34
C ILE A 25 21.00 -2.99 -0.80
N ILE A 26 20.21 -3.83 -0.14
CA ILE A 26 20.21 -3.83 1.33
C ILE A 26 21.62 -4.06 1.90
N ARG A 27 22.39 -4.96 1.28
CA ARG A 27 23.76 -5.25 1.74
C ARG A 27 24.83 -4.33 1.16
N LYS A 28 24.40 -3.23 0.52
CA LYS A 28 25.30 -2.23 -0.07
C LYS A 28 26.21 -2.81 -1.16
N GLU A 29 25.76 -3.86 -1.83
CA GLU A 29 26.54 -4.50 -2.88
C GLU A 29 26.28 -3.84 -4.23
N ILE A 30 25.14 -3.18 -4.34
CA ILE A 30 24.73 -2.42 -5.51
C ILE A 30 24.30 -1.05 -5.03
N PRO A 31 24.80 0.02 -5.67
CA PRO A 31 24.47 1.36 -5.19
C PRO A 31 23.00 1.73 -5.41
N ALA A 32 22.50 2.53 -4.49
CA ALA A 32 21.14 3.07 -4.61
C ALA A 32 21.11 4.44 -3.96
N LYS A 33 20.09 5.23 -4.30
CA LYS A 33 19.96 6.57 -3.76
C LYS A 33 19.06 6.52 -2.53
N ILE A 34 19.66 6.34 -1.37
CA ILE A 34 18.94 6.05 -0.14
C ILE A 34 18.41 7.31 0.52
N ILE A 35 17.16 7.22 0.97
CA ILE A 35 16.45 8.30 1.64
C ILE A 35 16.41 8.10 3.15
N PHE A 36 16.21 6.87 3.58
CA PHE A 36 16.01 6.54 4.98
C PHE A 36 16.39 5.08 5.20
N GLU A 37 16.96 4.79 6.36
CA GLU A 37 17.27 3.42 6.70
C GLU A 37 17.09 3.21 8.18
N ASP A 38 16.44 2.11 8.57
CA ASP A 38 16.47 1.66 9.95
C ASP A 38 16.69 0.15 10.00
N ASP A 39 16.49 -0.44 11.16
CA ASP A 39 16.74 -1.87 11.33
C ASP A 39 15.76 -2.76 10.57
N ARG A 40 14.60 -2.21 10.21
N ARG A 40 14.61 -2.21 10.19
CA ARG A 40 13.55 -3.01 9.59
CA ARG A 40 13.56 -3.02 9.58
C ARG A 40 13.37 -2.75 8.10
C ARG A 40 13.36 -2.74 8.10
N CYS A 41 13.79 -1.58 7.62
CA CYS A 41 13.51 -1.24 6.23
C CYS A 41 14.48 -0.24 5.66
N LEU A 42 14.30 0.00 4.36
CA LEU A 42 15.13 0.86 3.57
C LEU A 42 14.27 1.60 2.55
N ALA A 43 14.46 2.90 2.42
CA ALA A 43 13.77 3.69 1.41
C ALA A 43 14.78 4.26 0.43
N PHE A 44 14.51 4.13 -0.87
CA PHE A 44 15.43 4.64 -1.89
C PHE A 44 14.64 5.03 -3.13
N HIS A 45 15.22 5.92 -3.94
CA HIS A 45 14.54 6.41 -5.13
C HIS A 45 14.45 5.37 -6.22
N ASP A 46 13.31 5.33 -6.90
CA ASP A 46 13.11 4.40 -8.00
C ASP A 46 13.99 4.80 -9.18
N ILE A 47 14.61 3.81 -9.83
CA ILE A 47 15.48 4.05 -10.98
C ILE A 47 14.71 4.45 -12.24
N SER A 48 13.41 4.18 -12.27
CA SER A 48 12.57 4.55 -13.40
CA SER A 48 12.57 4.55 -13.40
C SER A 48 11.34 5.29 -12.88
N PRO A 49 11.53 6.53 -12.44
CA PRO A 49 10.43 7.26 -11.78
C PRO A 49 9.22 7.52 -12.68
N GLN A 50 8.04 7.31 -12.10
CA GLN A 50 6.78 7.47 -12.80
C GLN A 50 6.06 8.74 -12.34
N ALA A 51 6.72 9.49 -11.46
CA ALA A 51 6.23 10.76 -10.98
C ALA A 51 7.43 11.61 -10.59
N PRO A 52 7.25 12.93 -10.42
CA PRO A 52 8.40 13.77 -10.09
C PRO A 52 9.15 13.28 -8.84
N THR A 53 8.45 12.77 -7.85
CA THR A 53 9.05 12.01 -6.77
C THR A 53 8.50 10.59 -6.80
N HIS A 54 9.38 9.62 -6.75
CA HIS A 54 8.98 8.22 -6.80
C HIS A 54 10.04 7.39 -6.09
N PHE A 55 9.70 6.88 -4.91
CA PHE A 55 10.62 6.05 -4.16
C PHE A 55 9.99 4.77 -3.68
N LEU A 56 10.84 3.86 -3.21
CA LEU A 56 10.41 2.57 -2.71
C LEU A 56 10.77 2.45 -1.25
N VAL A 57 9.90 1.79 -0.48
CA VAL A 57 10.21 1.39 0.88
C VAL A 57 10.16 -0.12 0.93
N ILE A 58 11.25 -0.74 1.38
CA ILE A 58 11.37 -2.19 1.32
C ILE A 58 11.80 -2.76 2.69
N PRO A 59 11.31 -3.91 3.06
CA PRO A 59 11.80 -4.53 4.29
C PRO A 59 13.22 -5.05 4.11
N LYS A 60 14.00 -5.05 5.19
CA LYS A 60 15.28 -5.73 5.14
C LYS A 60 15.08 -7.26 5.18
N LYS A 61 14.06 -7.72 5.89
CA LYS A 61 13.68 -9.13 5.79
C LYS A 61 13.18 -9.44 4.38
N HIS A 62 13.69 -10.51 3.78
CA HIS A 62 13.22 -10.92 2.47
C HIS A 62 11.87 -11.64 2.54
N ILE A 63 10.89 -11.03 1.90
CA ILE A 63 9.56 -11.60 1.65
C ILE A 63 9.36 -11.47 0.15
N SER A 64 9.01 -12.55 -0.54
CA SER A 64 8.96 -12.48 -2.01
C SER A 64 7.82 -11.62 -2.54
N GLN A 65 6.65 -11.73 -1.90
CA GLN A 65 5.46 -11.00 -2.32
C GLN A 65 4.43 -11.01 -1.20
N ILE A 66 3.44 -10.13 -1.28
CA ILE A 66 2.45 -10.02 -0.22
C ILE A 66 1.67 -11.31 -0.04
N SER A 67 1.40 -12.03 -1.13
CA SER A 67 0.57 -13.23 -1.03
CA SER A 67 0.59 -13.25 -1.06
C SER A 67 1.17 -14.29 -0.13
N VAL A 68 2.47 -14.19 0.18
CA VAL A 68 3.08 -15.16 1.08
C VAL A 68 3.54 -14.55 2.42
N ALA A 69 3.17 -13.30 2.68
CA ALA A 69 3.50 -12.67 3.96
C ALA A 69 2.83 -13.39 5.12
N GLU A 70 3.52 -13.48 6.25
CA GLU A 70 2.98 -14.14 7.42
C GLU A 70 2.16 -13.17 8.28
N ASP A 71 1.27 -13.72 9.11
CA ASP A 71 0.50 -12.91 10.04
C ASP A 71 1.40 -12.05 10.92
N ASP A 72 2.56 -12.59 11.32
CA ASP A 72 3.43 -11.84 12.23
C ASP A 72 4.24 -10.77 11.49
N ASP A 73 4.05 -10.68 10.18
CA ASP A 73 4.68 -9.61 9.37
C ASP A 73 3.85 -8.33 9.38
N GLU A 74 2.73 -8.34 10.10
CA GLU A 74 1.85 -7.18 10.14
C GLU A 74 2.54 -5.88 10.52
N SER A 75 3.28 -5.90 11.63
CA SER A 75 3.94 -4.70 12.10
C SER A 75 4.93 -4.18 11.05
N LEU A 76 5.65 -5.10 10.41
CA LEU A 76 6.63 -4.74 9.39
C LEU A 76 5.97 -4.07 8.20
N LEU A 77 4.88 -4.65 7.73
CA LEU A 77 4.16 -4.08 6.60
C LEU A 77 3.62 -2.70 6.94
N GLY A 78 3.04 -2.55 8.12
CA GLY A 78 2.60 -1.24 8.56
C GLY A 78 3.76 -0.25 8.65
N HIS A 79 4.91 -0.74 9.08
CA HIS A 79 6.09 0.11 9.22
C HIS A 79 6.53 0.67 7.87
N LEU A 80 6.37 -0.13 6.81
CA LEU A 80 6.66 0.37 5.46
C LEU A 80 5.82 1.61 5.13
N MET A 81 4.55 1.57 5.53
CA MET A 81 3.64 2.69 5.27
C MET A 81 3.96 3.90 6.16
N ILE A 82 4.29 3.67 7.42
CA ILE A 82 4.66 4.77 8.30
C ILE A 82 5.95 5.44 7.81
N VAL A 83 6.94 4.64 7.43
CA VAL A 83 8.17 5.17 6.86
C VAL A 83 7.89 5.88 5.54
N GLY A 84 7.02 5.29 4.70
CA GLY A 84 6.64 5.93 3.46
C GLY A 84 6.05 7.31 3.67
N LYS A 85 5.14 7.44 4.62
CA LYS A 85 4.55 8.71 4.88
C LYS A 85 5.51 9.69 5.53
N LYS A 86 6.40 9.24 6.38
CA LYS A 86 7.40 10.14 6.94
C LYS A 86 8.38 10.64 5.89
N CYS A 87 8.85 9.74 5.03
CA CYS A 87 9.76 10.15 3.96
C CYS A 87 9.07 11.12 3.00
N ALA A 88 7.79 10.87 2.70
CA ALA A 88 7.05 11.79 1.83
C ALA A 88 7.01 13.19 2.42
N ALA A 89 6.78 13.30 3.73
CA ALA A 89 6.80 14.60 4.39
C ALA A 89 8.19 15.23 4.32
N ASP A 90 9.22 14.43 4.54
CA ASP A 90 10.60 14.93 4.52
C ASP A 90 10.97 15.42 3.13
N LEU A 91 10.36 14.84 2.10
CA LEU A 91 10.59 15.25 0.73
C LEU A 91 9.63 16.35 0.25
N GLY A 92 8.87 16.91 1.19
CA GLY A 92 8.02 18.04 0.86
C GLY A 92 6.80 17.75 0.00
N LEU A 93 6.28 16.52 0.01
CA LEU A 93 5.10 16.18 -0.78
C LEU A 93 3.81 16.61 -0.08
N ASN A 94 3.66 17.91 0.12
CA ASN A 94 2.59 18.46 0.93
C ASN A 94 1.21 18.44 0.26
N LYS A 95 1.16 18.14 -1.03
CA LYS A 95 -0.13 18.00 -1.73
C LYS A 95 -0.61 16.57 -1.78
N GLY A 96 0.20 15.65 -1.27
CA GLY A 96 -0.20 14.26 -1.22
C GLY A 96 0.64 13.35 -2.08
N TYR A 97 0.21 12.09 -2.18
CA TYR A 97 0.97 11.06 -2.86
C TYR A 97 0.15 9.79 -2.92
N ARG A 98 0.63 8.82 -3.68
CA ARG A 98 0.00 7.51 -3.80
C ARG A 98 0.98 6.41 -3.41
N MET A 99 0.52 5.47 -2.59
CA MET A 99 1.30 4.28 -2.21
C MET A 99 0.77 3.08 -2.96
N VAL A 100 1.66 2.22 -3.46
CA VAL A 100 1.28 1.12 -4.34
C VAL A 100 2.09 -0.13 -4.02
N VAL A 101 1.43 -1.28 -3.94
CA VAL A 101 2.12 -2.57 -3.96
C VAL A 101 1.65 -3.34 -5.20
N ASN A 102 2.61 -3.76 -6.02
CA ASN A 102 2.33 -4.58 -7.19
C ASN A 102 2.52 -6.04 -6.87
N GLU A 103 1.43 -6.80 -6.87
CA GLU A 103 1.48 -8.20 -6.48
C GLU A 103 1.36 -9.12 -7.69
N GLY A 104 2.40 -9.90 -7.96
CA GLY A 104 2.33 -10.94 -8.96
C GLY A 104 2.15 -10.44 -10.38
N SER A 105 1.76 -11.35 -11.27
CA SER A 105 1.70 -11.05 -12.69
C SER A 105 0.68 -9.94 -13.01
N ASP A 106 -0.54 -10.05 -12.48
CA ASP A 106 -1.54 -9.04 -12.80
C ASP A 106 -1.20 -7.69 -12.16
N GLY A 107 -0.43 -7.72 -11.07
CA GLY A 107 0.05 -6.49 -10.45
C GLY A 107 1.21 -5.90 -11.23
N GLY A 108 1.80 -6.69 -12.10
CA GLY A 108 2.95 -6.24 -12.89
C GLY A 108 4.26 -6.33 -12.12
N GLN A 109 4.27 -7.14 -11.07
CA GLN A 109 5.47 -7.27 -10.24
C GLN A 109 6.70 -7.71 -11.04
N SER A 110 7.82 -7.04 -10.81
CA SER A 110 9.06 -7.35 -11.53
C SER A 110 10.21 -7.78 -10.63
N VAL A 111 10.18 -7.39 -9.37
CA VAL A 111 11.18 -7.81 -8.40
C VAL A 111 10.46 -8.49 -7.25
N TYR A 112 10.81 -9.75 -7.00
CA TYR A 112 10.13 -10.52 -5.96
C TYR A 112 10.84 -10.41 -4.62
N HIS A 113 10.82 -9.17 -4.14
CA HIS A 113 11.19 -8.77 -2.80
C HIS A 113 10.18 -7.67 -2.49
N VAL A 114 9.31 -7.90 -1.51
CA VAL A 114 8.19 -6.98 -1.22
C VAL A 114 8.63 -5.53 -1.14
N HIS A 115 7.84 -4.64 -1.73
CA HIS A 115 8.15 -3.22 -1.63
C HIS A 115 6.93 -2.36 -1.87
N LEU A 116 6.95 -1.21 -1.23
CA LEU A 116 5.92 -0.19 -1.37
C LEU A 116 6.43 0.97 -2.22
N HIS A 117 5.70 1.32 -3.27
CA HIS A 117 5.97 2.52 -4.04
C HIS A 117 5.34 3.71 -3.36
N VAL A 118 6.00 4.87 -3.40
CA VAL A 118 5.40 6.13 -3.02
C VAL A 118 5.63 7.11 -4.16
N LEU A 119 4.56 7.65 -4.73
CA LEU A 119 4.62 8.51 -5.91
C LEU A 119 3.96 9.84 -5.59
N GLY A 120 4.60 10.94 -5.95
CA GLY A 120 4.00 12.25 -5.73
C GLY A 120 4.64 13.32 -6.56
N GLY A 121 4.26 14.56 -6.29
CA GLY A 121 4.80 15.69 -7.02
C GLY A 121 4.04 16.02 -8.30
N ARG A 122 2.97 15.28 -8.57
CA ARG A 122 2.05 15.58 -9.66
C ARG A 122 0.69 15.03 -9.28
N GLN A 123 -0.34 15.45 -10.01
CA GLN A 123 -1.66 14.87 -9.83
C GLN A 123 -1.63 13.41 -10.27
N MET A 124 -2.02 12.50 -9.37
CA MET A 124 -2.20 11.11 -9.75
C MET A 124 -3.63 10.91 -10.25
N HIS A 125 -3.78 9.98 -11.18
CA HIS A 125 -5.05 9.79 -11.88
C HIS A 125 -5.77 8.52 -11.46
N TRP A 126 -7.03 8.41 -11.83
CA TRP A 126 -7.83 7.23 -11.54
C TRP A 126 -8.32 6.67 -12.87
N PRO A 127 -8.30 5.35 -13.06
CA PRO A 127 -7.86 4.30 -12.15
C PRO A 127 -6.34 4.29 -11.95
N PRO A 128 -5.86 3.59 -10.91
CA PRO A 128 -4.43 3.54 -10.62
C PRO A 128 -3.75 2.48 -11.49
N GLY A 129 -3.78 2.68 -12.80
CA GLY A 129 -3.36 1.64 -13.73
C GLY A 129 -4.47 0.64 -14.01
N GLY B 18 -16.35 7.25 11.47
CA GLY B 18 -16.18 8.68 11.68
C GLY B 18 -17.24 9.50 11.00
N ASP B 19 -16.88 10.72 10.58
CA ASP B 19 -17.82 11.61 9.91
C ASP B 19 -17.68 11.58 8.39
N THR B 20 -17.54 10.39 7.84
CA THR B 20 -17.54 10.19 6.39
C THR B 20 -18.50 9.08 6.02
N ILE B 21 -18.68 8.88 4.73
CA ILE B 21 -19.53 7.80 4.25
C ILE B 21 -18.96 6.43 4.67
N PHE B 22 -17.65 6.34 4.86
CA PHE B 22 -17.07 5.07 5.32
C PHE B 22 -17.39 4.82 6.81
N GLY B 23 -17.50 5.90 7.59
CA GLY B 23 -18.04 5.81 8.94
C GLY B 23 -19.44 5.23 8.94
N LYS B 24 -20.28 5.68 8.03
CA LYS B 24 -21.65 5.20 7.94
C LYS B 24 -21.67 3.73 7.57
N ILE B 25 -20.76 3.31 6.70
CA ILE B 25 -20.68 1.92 6.31
C ILE B 25 -20.23 1.04 7.48
N ILE B 26 -19.21 1.49 8.21
CA ILE B 26 -18.76 0.79 9.41
C ILE B 26 -19.89 0.62 10.43
N ARG B 27 -20.72 1.65 10.59
CA ARG B 27 -21.80 1.64 11.58
C ARG B 27 -23.06 0.91 11.05
N LYS B 28 -22.97 0.43 9.82
CA LYS B 28 -24.04 -0.31 9.13
C LYS B 28 -25.27 0.56 8.87
N GLU B 29 -25.07 1.87 8.80
CA GLU B 29 -26.17 2.80 8.55
C GLU B 29 -26.54 2.86 7.07
N ILE B 30 -25.60 2.56 6.20
CA ILE B 30 -25.91 2.40 4.78
C ILE B 30 -25.27 1.11 4.29
N PRO B 31 -25.84 0.51 3.23
CA PRO B 31 -25.33 -0.80 2.83
C PRO B 31 -24.02 -0.75 2.03
N ALA B 32 -23.30 -1.85 2.10
CA ALA B 32 -22.14 -2.12 1.25
C ALA B 32 -22.04 -3.62 1.15
N LYS B 33 -21.39 -4.13 0.10
CA LYS B 33 -21.22 -5.58 0.02
C LYS B 33 -19.97 -5.97 0.78
N ILE B 34 -20.19 -6.40 2.01
CA ILE B 34 -19.12 -6.72 2.93
C ILE B 34 -18.50 -8.08 2.64
N ILE B 35 -17.18 -8.10 2.57
CA ILE B 35 -16.38 -9.28 2.26
C ILE B 35 -15.86 -9.93 3.55
N PHE B 36 -15.45 -9.10 4.50
CA PHE B 36 -14.86 -9.58 5.73
C PHE B 36 -14.95 -8.51 6.80
N GLU B 37 -15.06 -8.94 8.06
CA GLU B 37 -15.06 -8.00 9.17
C GLU B 37 -14.35 -8.65 10.33
N ASP B 38 -13.65 -7.84 11.13
CA ASP B 38 -13.25 -8.32 12.45
C ASP B 38 -13.46 -7.17 13.44
N ASP B 39 -12.77 -7.20 14.57
CA ASP B 39 -12.99 -6.18 15.60
C ASP B 39 -12.35 -4.83 15.27
N ARG B 40 -11.53 -4.77 14.23
CA ARG B 40 -10.74 -3.55 14.00
C ARG B 40 -10.69 -3.10 12.53
N CYS B 41 -11.31 -3.86 11.64
CA CYS B 41 -11.37 -3.43 10.24
C CYS B 41 -12.56 -4.04 9.51
N LEU B 42 -12.78 -3.55 8.29
CA LEU B 42 -13.89 -3.95 7.45
C LEU B 42 -13.44 -3.97 6.00
N ALA B 43 -13.78 -5.04 5.29
CA ALA B 43 -13.48 -5.12 3.86
C ALA B 43 -14.78 -5.19 3.08
N PHE B 44 -14.89 -4.38 2.03
CA PHE B 44 -16.12 -4.35 1.24
C PHE B 44 -15.83 -3.94 -0.19
N HIS B 45 -16.70 -4.32 -1.11
CA HIS B 45 -16.49 -4.00 -2.51
C HIS B 45 -16.68 -2.51 -2.73
N ASP B 46 -15.81 -1.95 -3.55
CA ASP B 46 -15.92 -0.54 -3.94
C ASP B 46 -17.16 -0.32 -4.79
N ILE B 47 -17.89 0.75 -4.50
CA ILE B 47 -19.10 1.06 -5.25
C ILE B 47 -18.80 1.53 -6.68
N SER B 48 -17.57 1.95 -6.93
CA SER B 48 -17.17 2.40 -8.26
C SER B 48 -15.96 1.60 -8.71
N PRO B 49 -16.16 0.31 -9.03
CA PRO B 49 -15.01 -0.58 -9.25
C PRO B 49 -14.22 -0.26 -10.51
N GLN B 50 -12.90 -0.37 -10.40
CA GLN B 50 -11.98 -0.01 -11.48
C GLN B 50 -11.33 -1.25 -12.08
N ALA B 51 -11.78 -2.41 -11.63
CA ALA B 51 -11.28 -3.70 -12.10
C ALA B 51 -12.36 -4.73 -11.81
N PRO B 52 -12.27 -5.92 -12.43
CA PRO B 52 -13.32 -6.91 -12.17
C PRO B 52 -13.47 -7.25 -10.69
N THR B 53 -12.37 -7.19 -9.95
CA THR B 53 -12.42 -7.23 -8.50
C THR B 53 -11.78 -5.96 -7.96
N HIS B 54 -12.52 -5.21 -7.16
CA HIS B 54 -12.01 -3.98 -6.56
C HIS B 54 -12.69 -3.78 -5.21
N PHE B 55 -11.95 -4.02 -4.13
CA PHE B 55 -12.50 -3.81 -2.81
C PHE B 55 -11.59 -2.94 -1.94
N LEU B 56 -12.12 -2.56 -0.79
CA LEU B 56 -11.45 -1.70 0.17
C LEU B 56 -11.29 -2.42 1.48
N VAL B 57 -10.18 -2.16 2.16
CA VAL B 57 -10.03 -2.60 3.54
C VAL B 57 -9.80 -1.32 4.36
N ILE B 58 -10.64 -1.10 5.37
CA ILE B 58 -10.56 0.13 6.14
C ILE B 58 -10.53 -0.18 7.62
N PRO B 59 -9.79 0.64 8.39
CA PRO B 59 -9.79 0.48 9.84
C PRO B 59 -11.09 1.01 10.43
N LYS B 60 -11.55 0.42 11.52
CA LYS B 60 -12.72 0.97 12.20
C LYS B 60 -12.32 2.26 12.93
N LYS B 61 -11.06 2.36 13.35
CA LYS B 61 -10.53 3.59 13.91
C LYS B 61 -10.54 4.67 12.84
N HIS B 62 -11.08 5.85 13.15
CA HIS B 62 -11.09 6.92 12.16
C HIS B 62 -9.73 7.61 12.11
N ILE B 63 -8.88 7.10 11.26
CA ILE B 63 -7.66 7.78 10.84
C ILE B 63 -8.01 8.46 9.52
N SER B 64 -7.94 9.79 9.48
CA SER B 64 -8.45 10.52 8.31
C SER B 64 -7.61 10.32 7.05
N GLN B 65 -6.30 10.15 7.21
CA GLN B 65 -5.40 9.98 6.08
C GLN B 65 -4.11 9.41 6.59
N ILE B 66 -3.39 8.73 5.70
CA ILE B 66 -2.20 8.04 6.11
C ILE B 66 -1.15 9.02 6.64
N SER B 67 -1.16 10.27 6.16
CA SER B 67 -0.15 11.25 6.59
C SER B 67 -0.25 11.60 8.07
N VAL B 68 -1.38 11.28 8.71
CA VAL B 68 -1.52 11.59 10.13
C VAL B 68 -1.57 10.32 10.99
N ALA B 69 -1.30 9.17 10.39
CA ALA B 69 -1.25 7.93 11.16
C ALA B 69 -0.11 7.98 12.17
N GLU B 70 -0.35 7.43 13.36
CA GLU B 70 0.64 7.42 14.43
C GLU B 70 1.49 6.16 14.40
N ASP B 71 2.64 6.19 15.07
CA ASP B 71 3.54 5.04 15.08
C ASP B 71 2.89 3.79 15.65
N ASP B 72 2.05 3.96 16.65
CA ASP B 72 1.38 2.83 17.28
C ASP B 72 0.22 2.29 16.44
N ASP B 73 -0.07 2.96 15.31
CA ASP B 73 -1.01 2.44 14.31
C ASP B 73 -0.36 1.45 13.36
N GLU B 74 0.95 1.25 13.51
CA GLU B 74 1.65 0.43 12.55
CA GLU B 74 1.61 0.40 12.57
C GLU B 74 1.08 -0.99 12.33
N SER B 75 0.83 -1.70 13.42
CA SER B 75 0.31 -3.04 13.28
C SER B 75 -1.09 -3.04 12.67
N LEU B 76 -1.90 -2.06 13.03
CA LEU B 76 -3.24 -1.90 12.43
C LEU B 76 -3.15 -1.71 10.92
N LEU B 77 -2.26 -0.84 10.46
CA LEU B 77 -2.09 -0.60 9.03
C LEU B 77 -1.62 -1.88 8.32
N GLY B 78 -0.68 -2.58 8.92
CA GLY B 78 -0.24 -3.86 8.39
C GLY B 78 -1.36 -4.87 8.35
N HIS B 79 -2.23 -4.83 9.37
CA HIS B 79 -3.40 -5.71 9.44
C HIS B 79 -4.31 -5.51 8.23
N LEU B 80 -4.48 -4.26 7.80
CA LEU B 80 -5.27 -3.98 6.61
C LEU B 80 -4.70 -4.72 5.40
N MET B 81 -3.37 -4.73 5.29
CA MET B 81 -2.72 -5.44 4.20
C MET B 81 -2.83 -6.96 4.27
N ILE B 82 -2.68 -7.52 5.48
CA ILE B 82 -2.85 -8.96 5.63
C ILE B 82 -4.30 -9.38 5.36
N VAL B 83 -5.26 -8.59 5.86
CA VAL B 83 -6.66 -8.85 5.54
C VAL B 83 -6.90 -8.73 4.03
N GLY B 84 -6.30 -7.72 3.41
CA GLY B 84 -6.42 -7.54 1.98
C GLY B 84 -5.89 -8.74 1.21
N LYS B 85 -4.72 -9.23 1.65
CA LYS B 85 -4.11 -10.44 1.11
C LYS B 85 -5.04 -11.65 1.16
N LYS B 86 -5.62 -11.86 2.34
CA LYS B 86 -6.48 -13.01 2.56
C LYS B 86 -7.79 -12.89 1.77
N CYS B 87 -8.37 -11.69 1.73
CA CYS B 87 -9.58 -11.50 0.94
C CYS B 87 -9.30 -11.68 -0.55
N ALA B 88 -8.15 -11.21 -1.00
CA ALA B 88 -7.79 -11.37 -2.40
C ALA B 88 -7.73 -12.85 -2.77
N ALA B 89 -7.13 -13.65 -1.90
CA ALA B 89 -7.06 -15.10 -2.14
C ALA B 89 -8.45 -15.72 -2.15
N ASP B 90 -9.30 -15.30 -1.20
CA ASP B 90 -10.66 -15.79 -1.12
C ASP B 90 -11.49 -15.46 -2.36
N LEU B 91 -11.20 -14.33 -2.98
CA LEU B 91 -11.89 -13.88 -4.18
C LEU B 91 -11.23 -14.39 -5.45
N GLY B 92 -10.25 -15.28 -5.29
CA GLY B 92 -9.67 -15.99 -6.40
C GLY B 92 -8.67 -15.20 -7.24
N LEU B 93 -8.03 -14.21 -6.61
CA LEU B 93 -7.03 -13.42 -7.32
C LEU B 93 -5.66 -14.11 -7.30
N ASN B 94 -5.59 -15.26 -7.93
CA ASN B 94 -4.37 -16.08 -7.91
C ASN B 94 -3.29 -15.59 -8.86
N LYS B 95 -3.64 -14.66 -9.75
CA LYS B 95 -2.65 -14.12 -10.68
C LYS B 95 -2.11 -12.79 -10.18
N GLY B 96 -2.55 -12.38 -8.99
CA GLY B 96 -2.06 -11.15 -8.40
C GLY B 96 -3.05 -10.02 -8.39
N TYR B 97 -2.57 -8.85 -8.01
CA TYR B 97 -3.41 -7.70 -7.77
C TYR B 97 -2.55 -6.47 -7.50
N ARG B 98 -3.20 -5.33 -7.34
CA ARG B 98 -2.52 -4.12 -6.90
C ARG B 98 -3.17 -3.56 -5.65
N MET B 99 -2.36 -3.19 -4.67
CA MET B 99 -2.83 -2.49 -3.48
C MET B 99 -2.49 -1.02 -3.59
N VAL B 100 -3.40 -0.15 -3.17
CA VAL B 100 -3.20 1.29 -3.30
C VAL B 100 -3.70 2.02 -2.07
N VAL B 101 -2.93 2.97 -1.57
CA VAL B 101 -3.41 3.93 -0.57
C VAL B 101 -3.19 5.33 -1.14
N ASN B 102 -4.26 6.10 -1.21
CA ASN B 102 -4.21 7.47 -1.69
C ASN B 102 -4.12 8.46 -0.55
N GLU B 103 -3.26 9.46 -0.69
CA GLU B 103 -3.14 10.54 0.28
C GLU B 103 -3.35 11.91 -0.37
N GLY B 104 -4.33 12.65 0.13
CA GLY B 104 -4.53 14.02 -0.27
C GLY B 104 -4.97 14.25 -1.69
N SER B 105 -4.85 15.49 -2.14
CA SER B 105 -5.32 15.91 -3.46
CA SER B 105 -5.37 15.86 -3.45
C SER B 105 -4.52 15.26 -4.58
N ASP B 106 -3.20 15.36 -4.49
CA ASP B 106 -2.36 14.78 -5.54
C ASP B 106 -2.52 13.26 -5.59
N GLY B 107 -2.76 12.64 -4.43
CA GLY B 107 -2.97 11.19 -4.39
C GLY B 107 -4.34 10.74 -4.87
N GLY B 108 -5.25 11.69 -5.06
CA GLY B 108 -6.60 11.37 -5.47
C GLY B 108 -7.44 10.72 -4.39
N GLN B 109 -7.15 11.03 -3.13
CA GLN B 109 -7.90 10.47 -2.01
C GLN B 109 -9.35 10.95 -2.05
N SER B 110 -10.28 10.01 -2.13
CA SER B 110 -11.68 10.36 -2.36
CA SER B 110 -11.68 10.34 -2.35
C SER B 110 -12.48 10.53 -1.08
N VAL B 111 -12.04 9.88 -0.02
CA VAL B 111 -12.71 9.91 1.28
C VAL B 111 -11.66 10.05 2.37
N TYR B 112 -11.87 10.97 3.31
CA TYR B 112 -10.91 11.18 4.39
C TYR B 112 -11.15 10.23 5.56
N HIS B 113 -11.02 8.95 5.21
CA HIS B 113 -10.94 7.85 6.15
C HIS B 113 -9.97 6.90 5.47
N VAL B 114 -8.86 6.58 6.12
CA VAL B 114 -7.83 5.84 5.40
CA VAL B 114 -7.80 5.75 5.52
C VAL B 114 -8.40 4.49 4.90
N HIS B 115 -8.03 4.17 3.67
CA HIS B 115 -8.54 2.95 3.04
C HIS B 115 -7.51 2.36 2.10
N LEU B 116 -7.42 1.04 2.13
CA LEU B 116 -6.55 0.28 1.25
C LEU B 116 -7.38 -0.29 0.09
N HIS B 117 -7.08 0.12 -1.13
CA HIS B 117 -7.68 -0.49 -2.32
C HIS B 117 -6.99 -1.78 -2.69
N VAL B 118 -7.76 -2.77 -3.12
CA VAL B 118 -7.21 -3.96 -3.71
C VAL B 118 -7.90 -4.20 -5.06
N LEU B 119 -7.14 -4.18 -6.14
CA LEU B 119 -7.68 -4.32 -7.48
C LEU B 119 -7.08 -5.51 -8.19
N GLY B 120 -7.92 -6.30 -8.86
CA GLY B 120 -7.40 -7.42 -9.62
C GLY B 120 -8.42 -7.94 -10.61
N GLY B 121 -8.11 -9.08 -11.21
CA GLY B 121 -8.99 -9.70 -12.18
C GLY B 121 -8.77 -9.17 -13.58
N ARG B 122 -7.73 -8.35 -13.72
CA ARG B 122 -7.28 -7.86 -15.02
C ARG B 122 -5.82 -7.48 -14.88
N GLN B 123 -5.15 -7.30 -16.01
CA GLN B 123 -3.80 -6.77 -15.98
C GLN B 123 -3.81 -5.34 -15.48
N MET B 124 -3.03 -5.05 -14.44
CA MET B 124 -2.85 -3.69 -13.99
C MET B 124 -1.67 -3.08 -14.73
N HIS B 125 -1.77 -1.80 -15.05
CA HIS B 125 -0.84 -1.16 -15.95
C HIS B 125 0.11 -0.22 -15.23
N TRP B 126 1.08 0.32 -15.97
CA TRP B 126 2.10 1.19 -15.40
C TRP B 126 2.25 2.39 -16.33
N PRO B 127 2.26 3.61 -15.78
CA PRO B 127 2.23 4.01 -14.36
C PRO B 127 0.88 3.76 -13.67
N PRO B 128 0.88 3.73 -12.33
CA PRO B 128 -0.35 3.46 -11.58
C PRO B 128 -1.18 4.73 -11.40
N GLY B 129 -1.63 5.31 -12.50
CA GLY B 129 -2.27 6.62 -12.47
C GLY B 129 -1.23 7.70 -12.58
#